data_8B1X
#
_entry.id   8B1X
#
_entity_poly.entity_id   1
_entity_poly.type   'polypeptide(L)'
_entity_poly.pdbx_seq_one_letter_code
;KKPGASLAALQALQALQAAQAAKKY
;
_entity_poly.pdbx_strand_id   A
#
# COMPACT_ATOMS: atom_id res chain seq x y z
N LYS A 1 -6.07 20.75 -5.33
CA LYS A 1 -6.23 19.78 -4.28
C LYS A 1 -5.57 18.50 -4.73
N LYS A 2 -5.00 17.75 -3.83
CA LYS A 2 -4.32 16.42 -4.06
C LYS A 2 -5.37 15.37 -4.29
N PRO A 3 -5.38 14.71 -5.54
CA PRO A 3 -6.25 13.58 -5.60
C PRO A 3 -5.74 12.38 -4.71
N GLY A 4 -6.63 11.47 -4.38
CA GLY A 4 -6.40 10.35 -3.44
C GLY A 4 -5.67 9.11 -4.07
N ALA A 5 -5.10 8.24 -3.21
CA ALA A 5 -4.38 7.00 -3.64
C ALA A 5 -5.30 6.08 -4.45
N SER A 6 -4.81 5.49 -5.54
CA SER A 6 -5.60 4.53 -6.32
C SER A 6 -5.59 3.19 -5.70
N LEU A 7 -6.34 2.23 -6.20
CA LEU A 7 -6.29 0.85 -5.61
C LEU A 7 -4.90 0.19 -5.87
N ALA A 8 -4.35 0.35 -7.08
CA ALA A 8 -2.87 0.04 -7.36
C ALA A 8 -1.82 0.66 -6.38
N ALA A 9 -1.87 1.95 -6.14
CA ALA A 9 -0.95 2.70 -5.16
C ALA A 9 -1.17 2.26 -3.69
N LEU A 10 -2.45 2.06 -3.30
CA LEU A 10 -2.71 1.44 -1.95
C LEU A 10 -2.22 -0.02 -1.88
N GLN A 11 -2.37 -0.80 -2.97
CA GLN A 11 -1.81 -2.16 -3.01
C GLN A 11 -0.25 -2.13 -2.87
N ALA A 12 0.50 -1.21 -3.51
CA ALA A 12 1.95 -1.00 -3.33
C ALA A 12 2.32 -0.62 -1.88
N LEU A 13 1.53 0.29 -1.32
CA LEU A 13 1.74 0.72 0.03
C LEU A 13 1.36 -0.42 1.00
N GLN A 14 0.23 -1.15 0.86
CA GLN A 14 -0.15 -2.30 1.64
C GLN A 14 1.09 -3.25 1.61
N ALA A 15 1.77 -3.44 0.45
CA ALA A 15 2.93 -4.28 0.45
C ALA A 15 4.12 -3.68 1.26
N LEU A 16 4.34 -2.36 1.11
CA LEU A 16 5.45 -1.78 1.85
C LEU A 16 5.16 -1.75 3.33
N GLN A 17 3.89 -1.69 3.78
CA GLN A 17 3.60 -1.74 5.21
C GLN A 17 3.69 -3.17 5.75
N ALA A 18 3.30 -4.20 4.99
CA ALA A 18 3.43 -5.63 5.29
C ALA A 18 4.87 -6.01 5.33
N ALA A 19 5.69 -5.52 4.44
CA ALA A 19 7.13 -5.59 4.49
C ALA A 19 7.91 -4.88 5.67
N GLN A 20 7.14 -4.16 6.57
CA GLN A 20 7.58 -3.24 7.62
C GLN A 20 8.38 -1.98 7.13
N ALA A 21 8.43 -1.84 5.84
CA ALA A 21 9.37 -0.95 5.08
C ALA A 21 8.70 0.43 4.83
N ALA A 22 7.53 0.60 5.39
CA ALA A 22 6.94 1.82 5.63
C ALA A 22 6.04 1.68 6.85
N LYS A 23 5.99 2.69 7.73
CA LYS A 23 5.13 2.69 8.86
C LYS A 23 3.63 2.52 8.43
N LYS A 24 2.79 1.71 9.15
CA LYS A 24 1.29 1.61 9.17
C LYS A 24 0.70 2.81 9.91
N LYS A 1 -11.81 13.86 -10.23
CA LYS A 1 -10.78 12.88 -9.73
C LYS A 1 -11.20 12.21 -8.43
N LYS A 2 -11.28 10.86 -8.51
CA LYS A 2 -11.77 10.09 -7.34
C LYS A 2 -10.84 10.26 -6.11
N PRO A 3 -11.46 10.37 -4.96
CA PRO A 3 -10.73 10.77 -3.71
C PRO A 3 -9.59 9.71 -3.40
N GLY A 4 -8.61 10.12 -2.59
CA GLY A 4 -7.44 9.39 -2.22
C GLY A 4 -6.30 9.28 -3.27
N ALA A 5 -5.39 8.31 -3.01
CA ALA A 5 -4.38 7.89 -3.93
C ALA A 5 -4.88 6.82 -4.86
N SER A 6 -4.16 6.53 -5.97
CA SER A 6 -4.53 5.54 -6.99
C SER A 6 -4.56 4.14 -6.37
N LEU A 7 -5.30 3.25 -6.94
CA LEU A 7 -5.23 1.79 -6.53
C LEU A 7 -3.77 1.30 -6.53
N ALA A 8 -3.00 1.56 -7.58
CA ALA A 8 -1.64 1.11 -7.52
C ALA A 8 -0.74 1.63 -6.38
N ALA A 9 -0.89 2.88 -5.95
CA ALA A 9 -0.29 3.43 -4.71
C ALA A 9 -0.73 2.67 -3.44
N LEU A 10 -2.12 2.49 -3.30
CA LEU A 10 -2.72 1.77 -2.19
C LEU A 10 -2.28 0.23 -2.18
N GLN A 11 -2.15 -0.44 -3.34
CA GLN A 11 -1.48 -1.76 -3.50
C GLN A 11 0.02 -1.72 -3.05
N ALA A 12 0.85 -0.77 -3.50
CA ALA A 12 2.23 -0.49 -3.05
C ALA A 12 2.35 -0.31 -1.54
N LEU A 13 1.44 0.38 -0.92
CA LEU A 13 1.40 0.73 0.53
C LEU A 13 1.16 -0.42 1.45
N GLN A 14 0.24 -1.28 1.06
CA GLN A 14 0.00 -2.49 1.74
C GLN A 14 1.17 -3.48 1.42
N ALA A 15 1.67 -3.55 0.23
CA ALA A 15 2.85 -4.40 -0.14
C ALA A 15 4.16 -4.01 0.55
N LEU A 16 4.50 -2.64 0.55
CA LEU A 16 5.64 -2.17 1.23
C LEU A 16 5.68 -2.54 2.73
N GLN A 17 4.59 -2.26 3.39
CA GLN A 17 4.55 -2.48 4.88
C GLN A 17 4.66 -3.95 5.22
N ALA A 18 3.95 -4.83 4.45
CA ALA A 18 4.15 -6.30 4.43
C ALA A 18 5.54 -6.82 4.19
N ALA A 19 6.16 -6.40 3.09
CA ALA A 19 7.58 -6.54 2.93
C ALA A 19 8.41 -6.19 4.14
N GLN A 20 8.15 -5.03 4.76
CA GLN A 20 8.85 -4.58 6.01
C GLN A 20 8.31 -5.18 7.27
N ALA A 21 8.00 -6.48 7.21
CA ALA A 21 7.68 -7.40 8.30
C ALA A 21 6.46 -6.77 9.10
N ALA A 22 5.43 -6.46 8.32
CA ALA A 22 4.26 -5.72 8.61
C ALA A 22 4.33 -4.28 9.13
N LYS A 23 5.52 -3.72 9.20
CA LYS A 23 5.84 -2.48 9.74
C LYS A 23 5.20 -2.28 11.15
N LYS A 24 5.59 -3.19 12.05
CA LYS A 24 5.00 -3.41 13.36
C LYS A 24 5.74 -2.56 14.39
N LYS A 1 -9.86 -0.20 -16.09
CA LYS A 1 -9.33 -0.67 -14.82
C LYS A 1 -9.61 -2.14 -14.75
N LYS A 2 -8.76 -2.99 -14.20
CA LYS A 2 -8.93 -4.40 -14.13
C LYS A 2 -10.21 -4.78 -13.36
N PRO A 3 -10.99 -5.81 -13.69
CA PRO A 3 -12.23 -6.11 -12.99
C PRO A 3 -12.00 -6.47 -11.51
N GLY A 4 -12.80 -5.82 -10.67
CA GLY A 4 -12.72 -5.92 -9.21
C GLY A 4 -11.49 -5.33 -8.54
N ALA A 5 -10.62 -4.60 -9.30
CA ALA A 5 -9.37 -4.13 -8.72
C ALA A 5 -9.51 -2.94 -7.74
N SER A 6 -8.65 -2.87 -6.74
CA SER A 6 -8.25 -1.65 -6.08
C SER A 6 -7.34 -0.82 -7.01
N LEU A 7 -7.15 0.46 -6.67
CA LEU A 7 -5.97 1.18 -7.08
C LEU A 7 -4.65 0.53 -6.65
N ALA A 8 -3.75 0.37 -7.60
CA ALA A 8 -2.39 -0.13 -7.39
C ALA A 8 -1.56 0.66 -6.37
N ALA A 9 -1.81 1.95 -6.27
CA ALA A 9 -1.22 2.73 -5.22
C ALA A 9 -1.43 2.31 -3.81
N LEU A 10 -2.64 1.93 -3.50
CA LEU A 10 -3.00 1.37 -2.20
C LEU A 10 -2.27 0.02 -2.04
N GLN A 11 -2.10 -0.79 -3.05
CA GLN A 11 -1.41 -2.13 -3.01
C GLN A 11 0.08 -1.89 -2.79
N ALA A 12 0.74 -1.02 -3.48
CA ALA A 12 2.11 -0.46 -3.22
C ALA A 12 2.34 -0.05 -1.72
N LEU A 13 1.42 0.71 -1.08
CA LEU A 13 1.38 0.99 0.37
C LEU A 13 1.09 -0.26 1.23
N GLN A 14 0.16 -1.16 0.88
CA GLN A 14 -0.06 -2.40 1.70
C GLN A 14 1.16 -3.39 1.69
N ALA A 15 1.86 -3.61 0.58
CA ALA A 15 3.14 -4.35 0.50
C ALA A 15 4.23 -3.72 1.42
N LEU A 16 4.24 -2.41 1.56
CA LEU A 16 5.13 -1.71 2.52
C LEU A 16 4.71 -2.05 3.96
N GLN A 17 3.43 -1.89 4.28
CA GLN A 17 2.96 -2.36 5.59
C GLN A 17 3.09 -3.86 5.93
N ALA A 18 3.06 -4.74 4.94
CA ALA A 18 3.27 -6.16 5.16
C ALA A 18 4.80 -6.35 5.30
N ALA A 19 5.68 -5.62 4.58
CA ALA A 19 7.09 -5.71 4.89
C ALA A 19 7.35 -5.24 6.34
N GLN A 20 6.71 -4.16 6.78
CA GLN A 20 7.04 -3.56 8.06
C GLN A 20 6.74 -4.54 9.22
N ALA A 21 5.59 -5.25 9.06
CA ALA A 21 5.13 -6.24 9.93
C ALA A 21 6.10 -7.48 9.97
N ALA A 22 6.67 -7.89 8.85
CA ALA A 22 7.77 -8.79 8.77
C ALA A 22 9.14 -8.23 9.13
N LYS A 23 9.19 -6.98 9.53
CA LYS A 23 10.33 -6.14 9.87
C LYS A 23 11.42 -6.16 8.77
N LYS A 24 11.06 -6.40 7.53
CA LYS A 24 11.94 -6.71 6.35
C LYS A 24 12.82 -5.56 5.86
N LYS A 1 -12.30 17.66 -3.63
CA LYS A 1 -11.59 17.25 -2.46
C LYS A 1 -10.06 17.32 -2.64
N LYS A 2 -9.20 16.82 -1.74
CA LYS A 2 -7.73 16.70 -2.01
C LYS A 2 -7.48 15.36 -2.73
N PRO A 3 -6.52 15.31 -3.66
CA PRO A 3 -6.20 14.00 -4.31
C PRO A 3 -5.58 12.88 -3.41
N GLY A 4 -5.55 11.63 -3.90
CA GLY A 4 -5.11 10.35 -3.32
C GLY A 4 -4.29 9.44 -4.26
N ALA A 5 -3.49 8.54 -3.65
CA ALA A 5 -2.84 7.49 -4.38
C ALA A 5 -3.83 6.60 -5.09
N SER A 6 -3.45 5.87 -6.08
CA SER A 6 -4.27 4.95 -6.87
C SER A 6 -4.44 3.59 -6.24
N LEU A 7 -5.44 2.77 -6.67
CA LEU A 7 -5.61 1.43 -6.10
C LEU A 7 -4.31 0.56 -6.16
N ALA A 8 -3.61 0.51 -7.32
CA ALA A 8 -2.33 -0.14 -7.50
C ALA A 8 -1.19 0.38 -6.56
N ALA A 9 -1.24 1.71 -6.25
CA ALA A 9 -0.32 2.41 -5.31
C ALA A 9 -0.73 2.32 -3.84
N LEU A 10 -2.02 2.16 -3.44
CA LEU A 10 -2.52 1.58 -2.23
C LEU A 10 -2.16 0.07 -2.01
N GLN A 11 -2.26 -0.68 -3.09
CA GLN A 11 -1.85 -2.12 -2.95
C GLN A 11 -0.27 -2.12 -2.70
N ALA A 12 0.42 -1.16 -3.32
CA ALA A 12 1.86 -0.96 -3.09
C ALA A 12 2.18 -0.51 -1.65
N LEU A 13 1.40 0.48 -1.13
CA LEU A 13 1.49 0.85 0.31
C LEU A 13 1.20 -0.34 1.15
N GLN A 14 0.21 -1.19 0.79
CA GLN A 14 -0.12 -2.31 1.72
C GLN A 14 1.02 -3.34 1.78
N ALA A 15 1.81 -3.45 0.72
CA ALA A 15 3.03 -4.20 0.73
C ALA A 15 4.19 -3.60 1.48
N LEU A 16 4.31 -2.30 1.31
CA LEU A 16 5.32 -1.44 1.97
C LEU A 16 5.18 -1.53 3.54
N GLN A 17 3.94 -1.49 3.95
CA GLN A 17 3.42 -1.73 5.29
C GLN A 17 3.74 -3.14 5.89
N ALA A 18 3.53 -4.18 5.12
CA ALA A 18 3.86 -5.56 5.50
C ALA A 18 5.38 -5.69 5.47
N ALA A 19 6.13 -5.04 4.57
CA ALA A 19 7.56 -5.27 4.66
C ALA A 19 8.14 -4.57 5.94
N GLN A 20 7.68 -3.35 6.29
CA GLN A 20 8.11 -2.56 7.51
C GLN A 20 7.67 -3.17 8.88
N ALA A 21 6.49 -3.88 8.89
CA ALA A 21 5.98 -4.62 10.01
C ALA A 21 6.95 -5.85 10.26
N ALA A 22 7.73 -6.16 9.26
CA ALA A 22 8.61 -7.24 9.25
C ALA A 22 10.03 -6.74 9.06
N LYS A 23 10.32 -5.44 9.13
CA LYS A 23 11.63 -4.75 9.02
C LYS A 23 12.56 -5.29 7.89
N LYS A 24 12.02 -5.53 6.65
CA LYS A 24 12.74 -6.13 5.56
C LYS A 24 13.68 -5.21 4.81
N LYS A 1 -15.25 9.65 -8.23
CA LYS A 1 -13.82 9.49 -7.83
C LYS A 1 -13.71 9.17 -6.34
N LYS A 2 -13.50 7.93 -5.95
CA LYS A 2 -13.03 7.55 -4.63
C LYS A 2 -11.83 8.37 -4.05
N PRO A 3 -12.03 9.05 -2.90
CA PRO A 3 -11.02 9.94 -2.20
C PRO A 3 -9.63 9.28 -2.09
N GLY A 4 -8.58 10.12 -2.14
CA GLY A 4 -7.24 9.74 -1.78
C GLY A 4 -6.63 8.74 -2.76
N ALA A 5 -5.82 7.86 -2.20
CA ALA A 5 -5.04 6.90 -3.00
C ALA A 5 -5.84 6.00 -3.92
N SER A 6 -5.41 5.75 -5.18
CA SER A 6 -5.98 4.77 -6.08
C SER A 6 -5.73 3.32 -5.55
N LEU A 7 -6.44 2.25 -6.08
CA LEU A 7 -6.30 0.87 -5.58
C LEU A 7 -4.87 0.29 -5.91
N ALA A 8 -4.28 0.79 -6.96
CA ALA A 8 -2.93 0.57 -7.34
C ALA A 8 -1.96 1.21 -6.34
N ALA A 9 -2.13 2.47 -6.00
CA ALA A 9 -1.36 3.14 -4.97
C ALA A 9 -1.55 2.52 -3.61
N LEU A 10 -2.78 2.23 -3.20
CA LEU A 10 -2.99 1.40 -2.02
C LEU A 10 -2.27 0.05 -1.99
N GLN A 11 -2.27 -0.67 -3.07
CA GLN A 11 -1.61 -1.97 -3.13
C GLN A 11 -0.16 -1.78 -2.90
N ALA A 12 0.47 -0.71 -3.38
CA ALA A 12 1.88 -0.41 -3.23
C ALA A 12 2.20 -0.22 -1.74
N LEU A 13 1.42 0.60 -1.09
CA LEU A 13 1.42 0.93 0.35
C LEU A 13 1.15 -0.30 1.28
N GLN A 14 0.21 -1.14 0.92
CA GLN A 14 -0.09 -2.41 1.65
C GLN A 14 1.02 -3.47 1.47
N ALA A 15 1.78 -3.48 0.32
CA ALA A 15 2.92 -4.34 0.08
C ALA A 15 4.13 -3.84 0.80
N LEU A 16 4.19 -2.53 1.09
CA LEU A 16 5.28 -1.87 1.86
C LEU A 16 5.03 -2.11 3.39
N GLN A 17 3.78 -2.07 3.90
CA GLN A 17 3.34 -2.49 5.23
C GLN A 17 3.25 -4.06 5.53
N ALA A 18 3.37 -4.84 4.49
CA ALA A 18 3.39 -6.36 4.59
C ALA A 18 4.75 -7.00 4.65
N ALA A 19 5.80 -6.28 4.27
CA ALA A 19 7.18 -6.59 4.51
C ALA A 19 7.55 -6.65 5.99
N GLN A 20 8.58 -7.43 6.34
CA GLN A 20 9.21 -7.59 7.62
C GLN A 20 9.67 -6.23 8.15
N ALA A 21 9.16 -5.87 9.33
CA ALA A 21 9.31 -4.49 10.00
C ALA A 21 10.72 -4.01 10.35
N ALA A 22 11.68 -4.91 10.24
CA ALA A 22 13.08 -4.64 10.54
C ALA A 22 14.02 -5.43 9.60
N LYS A 23 15.29 -5.00 9.51
CA LYS A 23 16.32 -5.62 8.69
C LYS A 23 17.04 -6.68 9.48
N LYS A 24 17.57 -7.71 8.82
CA LYS A 24 18.08 -8.95 9.49
C LYS A 24 19.42 -8.77 10.17
N LYS A 1 -18.34 6.15 -8.41
CA LYS A 1 -17.04 5.99 -7.69
C LYS A 1 -17.27 6.42 -6.29
N LYS A 2 -16.47 6.01 -5.31
CA LYS A 2 -16.30 6.71 -4.02
C LYS A 2 -14.95 7.41 -3.84
N PRO A 3 -14.78 8.58 -3.24
CA PRO A 3 -13.51 9.31 -3.26
C PRO A 3 -12.39 8.51 -2.51
N GLY A 4 -11.11 8.79 -2.76
CA GLY A 4 -10.02 8.05 -2.05
C GLY A 4 -8.67 8.02 -2.75
N ALA A 5 -7.74 7.21 -2.19
CA ALA A 5 -6.47 6.91 -2.92
C ALA A 5 -6.68 6.04 -4.21
N SER A 6 -5.69 6.13 -5.11
CA SER A 6 -5.51 5.23 -6.16
C SER A 6 -5.18 3.79 -5.82
N LEU A 7 -5.56 2.84 -6.65
CA LEU A 7 -5.36 1.38 -6.48
C LEU A 7 -3.85 0.96 -6.39
N ALA A 8 -3.03 1.52 -7.24
CA ALA A 8 -1.54 1.38 -7.22
C ALA A 8 -0.92 1.99 -5.85
N ALA A 9 -1.36 3.14 -5.41
CA ALA A 9 -1.04 3.73 -4.07
C ALA A 9 -1.57 2.81 -2.90
N LEU A 10 -2.75 2.19 -3.00
CA LEU A 10 -3.17 1.23 -1.97
C LEU A 10 -2.30 -0.02 -1.96
N GLN A 11 -2.14 -0.67 -3.09
CA GLN A 11 -1.20 -1.82 -3.18
C GLN A 11 0.20 -1.57 -2.79
N ALA A 12 0.77 -0.47 -3.19
CA ALA A 12 2.11 -0.01 -2.72
C ALA A 12 2.25 0.22 -1.20
N LEU A 13 1.20 0.85 -0.55
CA LEU A 13 1.23 1.08 0.83
C LEU A 13 0.97 -0.22 1.61
N GLN A 14 0.28 -1.15 1.01
CA GLN A 14 -0.09 -2.40 1.61
C GLN A 14 1.02 -3.40 1.40
N ALA A 15 1.96 -3.26 0.39
CA ALA A 15 3.31 -3.81 0.23
C ALA A 15 4.36 -3.21 1.22
N LEU A 16 4.35 -1.84 1.28
CA LEU A 16 5.18 -1.13 2.28
C LEU A 16 4.80 -1.60 3.72
N GLN A 17 3.54 -1.71 4.06
CA GLN A 17 3.10 -2.23 5.36
C GLN A 17 3.56 -3.71 5.58
N ALA A 18 3.67 -4.59 4.53
CA ALA A 18 4.27 -5.85 4.65
C ALA A 18 5.79 -5.75 4.89
N ALA A 19 6.46 -4.92 4.08
CA ALA A 19 7.89 -4.56 4.34
C ALA A 19 8.25 -4.05 5.75
N GLN A 20 7.41 -3.12 6.20
CA GLN A 20 7.49 -2.56 7.52
C GLN A 20 7.41 -3.62 8.61
N ALA A 21 6.62 -4.66 8.34
CA ALA A 21 6.40 -5.69 9.33
C ALA A 21 7.69 -6.57 9.56
N ALA A 22 8.57 -6.64 8.58
CA ALA A 22 9.91 -7.31 8.69
C ALA A 22 11.08 -6.30 8.69
N LYS A 23 10.86 -4.95 8.58
CA LYS A 23 11.82 -3.94 8.29
C LYS A 23 12.70 -4.15 7.08
N LYS A 24 12.15 -4.68 5.93
CA LYS A 24 12.86 -5.02 4.73
C LYS A 24 13.34 -3.78 3.94
N LYS A 1 -10.69 15.41 -3.55
CA LYS A 1 -10.95 15.66 -5.05
C LYS A 1 -11.08 14.36 -5.84
N LYS A 2 -11.39 14.36 -7.14
CA LYS A 2 -11.64 13.09 -7.87
C LYS A 2 -10.32 12.25 -8.00
N PRO A 3 -10.36 10.92 -8.01
CA PRO A 3 -9.22 10.03 -8.02
C PRO A 3 -8.20 10.19 -9.13
N GLY A 4 -6.95 9.93 -8.81
CA GLY A 4 -5.89 9.98 -9.88
C GLY A 4 -5.00 8.75 -9.78
N ALA A 5 -5.28 7.87 -8.80
CA ALA A 5 -4.48 6.67 -8.41
C ALA A 5 -5.26 5.34 -8.35
N SER A 6 -4.81 4.22 -8.96
CA SER A 6 -5.52 2.95 -9.05
C SER A 6 -5.49 2.19 -7.71
N LEU A 7 -6.17 1.06 -7.64
CA LEU A 7 -6.03 0.05 -6.65
C LEU A 7 -4.58 -0.30 -6.41
N ALA A 8 -3.78 -0.45 -7.40
CA ALA A 8 -2.35 -0.84 -7.40
C ALA A 8 -1.59 0.19 -6.58
N ALA A 9 -1.94 1.47 -6.45
CA ALA A 9 -1.21 2.46 -5.66
C ALA A 9 -1.49 2.16 -4.17
N LEU A 10 -2.71 1.73 -3.74
CA LEU A 10 -3.05 1.26 -2.42
C LEU A 10 -2.27 0.02 -2.07
N GLN A 11 -2.25 -0.95 -2.95
CA GLN A 11 -1.56 -2.28 -2.77
C GLN A 11 -0.06 -2.21 -2.74
N ALA A 12 0.52 -1.24 -3.45
CA ALA A 12 1.94 -0.90 -3.29
C ALA A 12 2.19 -0.29 -1.91
N LEU A 13 1.26 0.52 -1.25
CA LEU A 13 1.34 0.93 0.17
C LEU A 13 1.04 -0.25 1.11
N GLN A 14 0.10 -1.14 0.84
CA GLN A 14 -0.03 -2.40 1.67
C GLN A 14 1.18 -3.40 1.58
N ALA A 15 1.96 -3.38 0.47
CA ALA A 15 3.28 -4.17 0.35
C ALA A 15 4.34 -3.92 1.48
N LEU A 16 4.26 -2.74 2.03
CA LEU A 16 5.07 -2.11 3.01
C LEU A 16 4.61 -2.55 4.39
N GLN A 17 3.57 -3.43 4.53
CA GLN A 17 2.83 -3.85 5.76
C GLN A 17 2.65 -5.35 5.98
N ALA A 18 3.00 -6.17 4.94
CA ALA A 18 2.56 -7.55 4.89
C ALA A 18 3.04 -8.42 6.09
N ALA A 19 4.06 -7.96 6.79
CA ALA A 19 4.72 -8.68 7.87
C ALA A 19 3.97 -8.49 9.22
N GLN A 20 3.04 -7.53 9.28
CA GLN A 20 2.02 -7.26 10.38
C GLN A 20 0.69 -7.84 9.89
N ALA A 21 0.42 -7.92 8.58
CA ALA A 21 -0.80 -8.46 8.02
C ALA A 21 -0.82 -10.00 8.03
N ALA A 22 0.34 -10.60 7.84
CA ALA A 22 0.50 -12.02 8.18
C ALA A 22 0.18 -12.34 9.61
N LYS A 23 -0.68 -13.34 9.84
CA LYS A 23 -0.84 -13.87 11.20
C LYS A 23 0.37 -14.74 11.62
N LYS A 24 0.59 -15.01 12.97
CA LYS A 24 1.84 -15.51 13.60
C LYS A 24 1.93 -17.04 13.62
#